data_2QMZ
#
_entry.id   2QMZ
#
_cell.length_a   83.442
_cell.length_b   106.448
_cell.length_c   56.533
_cell.angle_alpha   90.000
_cell.angle_beta   90.000
_cell.angle_gamma   90.000
#
_symmetry.space_group_name_H-M   'P 21 21 21'
#
loop_
_entity.id
_entity.type
_entity.pdbx_description
1 polymer 'Ribosyldihydronicotinamide dehydrogenase'
2 non-polymer 'ZINC ION'
3 non-polymer 'FLAVIN-ADENINE DINUCLEOTIDE'
4 non-polymer L-DOPAMINE
5 water water
#
_entity_poly.entity_id   1
_entity_poly.type   'polypeptide(L)'
_entity_poly.pdbx_seq_one_letter_code
;AGKKVLIVYAHQEPKSFNGSLKNVAVDELSRQGCTVTVSDLYAMNFEPRATDKDITGTLSNPEVFNYGVETHEAYKQRSL
ASDITDEQKKVREADLVIFQFPLYWFSVPAILKGWMDRVLCQGFAFDIPGFYDSGLLQGKLALLSVTTGGTAEMYTKTGV
NGDSRYFLWPLQHGTLHFCGFKVLAPQISFAPEIASEEERKGMVAAWSQRLQTIWKEEPIPCTAHWHFGQ
;
_entity_poly.pdbx_strand_id   A,B
#
loop_
_chem_comp.id
_chem_comp.type
_chem_comp.name
_chem_comp.formula
FAD non-polymer 'FLAVIN-ADENINE DINUCLEOTIDE' 'C27 H33 N9 O15 P2'
LDP non-polymer L-DOPAMINE 'C8 H11 N O2'
ZN non-polymer 'ZINC ION' 'Zn 2'
#
# COMPACT_ATOMS: atom_id res chain seq x y z
N ALA A 1 26.79 -23.33 3.62
CA ALA A 1 26.75 -23.38 2.13
C ALA A 1 26.46 -22.00 1.55
N GLY A 2 26.80 -20.96 2.29
CA GLY A 2 26.56 -19.60 1.83
C GLY A 2 25.09 -19.30 1.69
N LYS A 3 24.74 -18.01 1.78
CA LYS A 3 23.35 -17.61 1.67
C LYS A 3 23.21 -16.48 0.66
N LYS A 4 22.02 -16.35 0.10
CA LYS A 4 21.74 -15.30 -0.86
C LYS A 4 20.75 -14.32 -0.24
N VAL A 5 21.08 -13.04 -0.31
CA VAL A 5 20.20 -12.02 0.24
C VAL A 5 19.83 -11.00 -0.84
N LEU A 6 18.54 -10.68 -0.89
CA LEU A 6 18.05 -9.68 -1.82
C LEU A 6 17.50 -8.54 -0.97
N ILE A 7 17.96 -7.33 -1.23
CA ILE A 7 17.46 -6.16 -0.52
C ILE A 7 16.63 -5.34 -1.51
N VAL A 8 15.34 -5.18 -1.23
CA VAL A 8 14.45 -4.40 -2.08
C VAL A 8 14.43 -3.04 -1.38
N TYR A 9 15.14 -2.09 -1.97
CA TYR A 9 15.32 -0.74 -1.42
C TYR A 9 14.39 0.28 -2.07
N ALA A 10 13.71 1.08 -1.25
CA ALA A 10 12.79 2.08 -1.77
C ALA A 10 12.96 3.48 -1.20
N HIS A 11 13.98 4.19 -1.68
CA HIS A 11 14.21 5.56 -1.25
C HIS A 11 14.90 6.34 -2.36
N GLN A 12 14.46 7.58 -2.55
CA GLN A 12 14.99 8.43 -3.60
C GLN A 12 16.39 8.98 -3.34
N GLU A 13 16.74 9.13 -2.07
CA GLU A 13 18.03 9.72 -1.68
C GLU A 13 19.10 8.78 -1.12
N PRO A 14 20.26 8.70 -1.78
CA PRO A 14 21.37 7.84 -1.35
C PRO A 14 21.93 8.25 0.02
N LYS A 15 21.90 9.55 0.30
CA LYS A 15 22.41 10.06 1.57
C LYS A 15 21.38 9.99 2.69
N SER A 16 20.22 9.38 2.40
CA SER A 16 19.16 9.29 3.40
C SER A 16 19.44 8.26 4.48
N PHE A 17 18.64 8.31 5.55
CA PHE A 17 18.80 7.37 6.65
C PHE A 17 18.53 5.98 6.09
N ASN A 18 17.54 5.88 5.21
CA ASN A 18 17.20 4.60 4.59
C ASN A 18 18.38 4.12 3.77
N GLY A 19 19.00 5.06 3.05
CA GLY A 19 20.15 4.72 2.23
C GLY A 19 21.27 4.16 3.08
N SER A 20 21.48 4.75 4.25
CA SER A 20 22.53 4.29 5.16
C SER A 20 22.21 2.91 5.70
N LEU A 21 20.94 2.67 6.02
CA LEU A 21 20.54 1.37 6.54
C LEU A 21 20.80 0.28 5.48
N LYS A 22 20.51 0.60 4.22
CA LYS A 22 20.73 -0.34 3.12
C LYS A 22 22.23 -0.58 2.91
N ASN A 23 23.02 0.48 2.97
CA ASN A 23 24.48 0.36 2.79
C ASN A 23 25.11 -0.46 3.91
N VAL A 24 24.60 -0.29 5.12
CA VAL A 24 25.10 -1.01 6.28
C VAL A 24 24.77 -2.48 6.16
N ALA A 25 23.63 -2.78 5.54
CA ALA A 25 23.22 -4.17 5.36
C ALA A 25 24.09 -4.82 4.30
N VAL A 26 24.37 -4.08 3.23
CA VAL A 26 25.21 -4.60 2.15
C VAL A 26 26.62 -4.85 2.71
N ASP A 27 27.13 -3.90 3.47
CA ASP A 27 28.48 -4.05 4.05
C ASP A 27 28.59 -5.25 4.99
N GLU A 28 27.68 -5.34 5.96
CA GLU A 28 27.71 -6.41 6.93
C GLU A 28 27.47 -7.80 6.35
N LEU A 29 26.50 -7.93 5.47
CA LEU A 29 26.21 -9.22 4.86
C LEU A 29 27.34 -9.60 3.88
N SER A 30 27.93 -8.60 3.25
CA SER A 30 29.02 -8.84 2.30
C SER A 30 30.25 -9.32 3.06
N ARG A 31 30.49 -8.72 4.23
CA ARG A 31 31.62 -9.08 5.08
C ARG A 31 31.50 -10.51 5.59
N GLN A 32 30.27 -10.94 5.84
CA GLN A 32 30.00 -12.29 6.32
C GLN A 32 30.23 -13.34 5.25
N GLY A 33 30.36 -12.90 4.00
CA GLY A 33 30.58 -13.82 2.91
C GLY A 33 29.31 -14.14 2.14
N CYS A 34 28.23 -13.46 2.51
CA CYS A 34 26.94 -13.67 1.86
C CYS A 34 26.86 -13.09 0.45
N THR A 35 26.03 -13.72 -0.38
CA THR A 35 25.80 -13.27 -1.75
C THR A 35 24.72 -12.20 -1.62
N VAL A 36 25.04 -10.97 -2.03
CA VAL A 36 24.09 -9.87 -1.89
C VAL A 36 23.69 -9.18 -3.18
N THR A 37 22.40 -8.90 -3.31
CA THR A 37 21.84 -8.22 -4.47
C THR A 37 20.89 -7.15 -3.98
N VAL A 38 20.90 -5.99 -4.63
CA VAL A 38 20.03 -4.88 -4.24
C VAL A 38 19.15 -4.41 -5.38
N SER A 39 17.85 -4.29 -5.13
CA SER A 39 16.94 -3.77 -6.13
C SER A 39 16.58 -2.36 -5.69
N ASP A 40 17.26 -1.39 -6.30
CA ASP A 40 17.07 0.04 -6.01
C ASP A 40 15.94 0.52 -6.92
N LEU A 41 14.70 0.30 -6.48
CA LEU A 41 13.52 0.66 -7.27
C LEU A 41 13.51 2.06 -7.91
N TYR A 42 13.81 3.10 -7.14
CA TYR A 42 13.81 4.44 -7.72
C TYR A 42 14.88 4.60 -8.79
N ALA A 43 16.08 4.08 -8.52
CA ALA A 43 17.17 4.18 -9.49
C ALA A 43 16.83 3.37 -10.75
N MET A 44 16.02 2.34 -10.58
CA MET A 44 15.61 1.50 -11.71
C MET A 44 14.36 2.09 -12.37
N ASN A 45 13.76 3.06 -11.70
CA ASN A 45 12.53 3.68 -12.17
C ASN A 45 11.49 2.57 -12.37
N PHE A 46 11.48 1.65 -11.42
CA PHE A 46 10.59 0.49 -11.44
C PHE A 46 9.13 0.84 -11.69
N GLU A 47 8.50 0.10 -12.59
CA GLU A 47 7.09 0.31 -12.93
C GLU A 47 6.15 -0.22 -11.86
N PRO A 48 5.41 0.68 -11.18
CA PRO A 48 4.48 0.28 -10.12
C PRO A 48 3.10 -0.16 -10.61
N ARG A 49 2.69 0.34 -11.78
CA ARG A 49 1.36 0.04 -12.29
C ARG A 49 1.17 -1.37 -12.87
N ALA A 50 0.07 -2.00 -12.47
CA ALA A 50 -0.28 -3.34 -12.95
C ALA A 50 -1.12 -3.13 -14.21
N THR A 51 -0.51 -3.31 -15.38
CA THR A 51 -1.22 -3.10 -16.64
C THR A 51 -1.01 -4.27 -17.59
N ASP A 52 -1.73 -4.23 -18.72
CA ASP A 52 -1.61 -5.29 -19.71
C ASP A 52 -0.23 -5.31 -20.35
N LYS A 53 0.58 -4.28 -20.07
CA LYS A 53 1.92 -4.24 -20.62
C LYS A 53 2.83 -5.22 -19.89
N ASP A 54 2.34 -5.81 -18.82
CA ASP A 54 3.14 -6.77 -18.05
C ASP A 54 3.14 -8.13 -18.72
N ILE A 55 2.33 -8.28 -19.77
CA ILE A 55 2.27 -9.52 -20.52
C ILE A 55 2.82 -9.25 -21.91
N THR A 56 3.74 -10.10 -22.35
CA THR A 56 4.36 -9.96 -23.67
C THR A 56 3.59 -10.80 -24.69
N GLY A 57 3.67 -10.41 -25.95
CA GLY A 57 2.98 -11.16 -27.00
C GLY A 57 1.50 -10.88 -27.09
N THR A 58 0.68 -11.92 -26.91
CA THR A 58 -0.76 -11.78 -26.98
C THR A 58 -1.45 -12.29 -25.71
N LEU A 59 -2.52 -11.63 -25.32
CA LEU A 59 -3.27 -12.00 -24.12
C LEU A 59 -4.22 -13.17 -24.35
N SER A 60 -4.48 -13.93 -23.28
CA SER A 60 -5.36 -15.09 -23.38
C SER A 60 -6.83 -14.68 -23.41
N ASN A 61 -7.09 -13.40 -23.52
CA ASN A 61 -8.46 -12.87 -23.56
C ASN A 61 -8.41 -11.36 -23.74
N PRO A 62 -8.07 -10.89 -24.94
CA PRO A 62 -7.98 -9.46 -25.24
C PRO A 62 -9.32 -8.74 -25.29
N GLU A 63 -10.36 -9.36 -24.74
CA GLU A 63 -11.69 -8.77 -24.72
C GLU A 63 -11.94 -8.09 -23.37
N VAL A 64 -11.75 -8.85 -22.30
CA VAL A 64 -11.91 -8.36 -20.94
C VAL A 64 -10.58 -8.64 -20.23
N PHE A 65 -9.91 -7.59 -19.78
CA PHE A 65 -8.62 -7.75 -19.11
C PHE A 65 -8.72 -8.01 -17.62
N ASN A 66 -8.20 -9.17 -17.20
CA ASN A 66 -8.18 -9.58 -15.80
C ASN A 66 -6.70 -9.75 -15.48
N TYR A 67 -6.11 -8.73 -14.85
CA TYR A 67 -4.69 -8.76 -14.52
C TYR A 67 -4.26 -10.07 -13.87
N GLY A 68 -4.93 -10.46 -12.79
CA GLY A 68 -4.60 -11.68 -12.09
C GLY A 68 -4.49 -12.93 -12.96
N VAL A 69 -5.47 -13.12 -13.85
CA VAL A 69 -5.46 -14.29 -14.71
C VAL A 69 -4.40 -14.16 -15.79
N GLU A 70 -4.32 -12.99 -16.41
CA GLU A 70 -3.35 -12.76 -17.48
C GLU A 70 -1.91 -12.90 -17.01
N THR A 71 -1.63 -12.50 -15.77
CA THR A 71 -0.26 -12.64 -15.26
C THR A 71 0.01 -14.07 -14.83
N HIS A 72 -1.00 -14.74 -14.30
CA HIS A 72 -0.83 -16.12 -13.88
C HIS A 72 -0.49 -16.92 -15.13
N GLU A 73 -1.32 -16.75 -16.17
CA GLU A 73 -1.14 -17.46 -17.43
C GLU A 73 0.21 -17.11 -18.06
N ALA A 74 0.56 -15.83 -18.03
CA ALA A 74 1.81 -15.35 -18.61
C ALA A 74 3.03 -15.97 -17.91
N TYR A 75 2.93 -16.13 -16.60
CA TYR A 75 4.02 -16.71 -15.84
C TYR A 75 4.26 -18.15 -16.31
N LYS A 76 3.21 -18.96 -16.24
CA LYS A 76 3.29 -20.35 -16.66
C LYS A 76 3.69 -20.48 -18.12
N GLN A 77 3.48 -19.40 -18.89
CA GLN A 77 3.83 -19.40 -20.31
C GLN A 77 5.11 -18.62 -20.59
N ARG A 78 5.83 -18.26 -19.53
CA ARG A 78 7.07 -17.52 -19.67
C ARG A 78 6.88 -16.30 -20.57
N SER A 79 5.78 -15.58 -20.37
CA SER A 79 5.50 -14.41 -21.21
C SER A 79 5.31 -13.11 -20.42
N LEU A 80 5.98 -13.00 -19.28
CA LEU A 80 5.88 -11.79 -18.47
C LEU A 80 6.95 -10.79 -18.91
N ALA A 81 6.71 -9.51 -18.65
CA ALA A 81 7.68 -8.47 -19.00
C ALA A 81 8.98 -8.79 -18.28
N SER A 82 10.11 -8.43 -18.89
CA SER A 82 11.41 -8.72 -18.30
C SER A 82 11.71 -8.08 -16.93
N ASP A 83 11.19 -6.89 -16.68
CA ASP A 83 11.45 -6.26 -15.39
C ASP A 83 10.86 -7.11 -14.26
N ILE A 84 9.72 -7.74 -14.54
CA ILE A 84 9.06 -8.61 -13.56
C ILE A 84 9.88 -9.88 -13.36
N THR A 85 10.24 -10.53 -14.46
CA THR A 85 10.99 -11.77 -14.36
C THR A 85 12.40 -11.56 -13.79
N ASP A 86 12.99 -10.40 -14.03
CA ASP A 86 14.31 -10.13 -13.47
C ASP A 86 14.21 -10.18 -11.95
N GLU A 87 13.14 -9.60 -11.42
CA GLU A 87 12.91 -9.56 -9.97
C GLU A 87 12.60 -10.94 -9.39
N GLN A 88 11.77 -11.72 -10.09
CA GLN A 88 11.43 -13.05 -9.61
C GLN A 88 12.66 -13.95 -9.52
N LYS A 89 13.59 -13.79 -10.45
CA LYS A 89 14.80 -14.59 -10.42
C LYS A 89 15.60 -14.27 -9.15
N LYS A 90 15.71 -12.98 -8.84
CA LYS A 90 16.43 -12.55 -7.65
C LYS A 90 15.74 -13.11 -6.41
N VAL A 91 14.41 -13.09 -6.43
CA VAL A 91 13.60 -13.58 -5.32
C VAL A 91 13.73 -15.10 -5.15
N ARG A 92 13.57 -15.82 -6.26
CA ARG A 92 13.65 -17.27 -6.24
C ARG A 92 14.99 -17.80 -5.72
N GLU A 93 16.08 -17.13 -6.04
CA GLU A 93 17.40 -17.57 -5.60
C GLU A 93 17.75 -17.10 -4.18
N ALA A 94 17.03 -16.10 -3.70
CA ALA A 94 17.27 -15.55 -2.38
C ALA A 94 16.85 -16.46 -1.22
N ASP A 95 17.61 -16.42 -0.14
CA ASP A 95 17.30 -17.19 1.06
C ASP A 95 16.61 -16.23 2.02
N LEU A 96 16.96 -14.95 1.90
CA LEU A 96 16.41 -13.89 2.73
C LEU A 96 16.12 -12.65 1.88
N VAL A 97 14.95 -12.05 2.09
CA VAL A 97 14.56 -10.85 1.37
C VAL A 97 14.29 -9.72 2.37
N ILE A 98 15.12 -8.70 2.29
CA ILE A 98 14.99 -7.54 3.16
C ILE A 98 14.35 -6.40 2.37
N PHE A 99 13.34 -5.77 2.95
CA PHE A 99 12.65 -4.61 2.36
C PHE A 99 13.07 -3.41 3.21
N GLN A 100 13.73 -2.45 2.59
CA GLN A 100 14.19 -1.25 3.27
C GLN A 100 13.38 -0.08 2.72
N PHE A 101 12.57 0.53 3.55
CA PHE A 101 11.72 1.63 3.08
C PHE A 101 11.20 2.52 4.20
N PRO A 102 10.87 3.78 3.85
CA PRO A 102 10.33 4.70 4.83
C PRO A 102 8.83 4.44 4.84
N LEU A 103 8.20 4.51 6.00
CA LEU A 103 6.78 4.28 6.09
C LEU A 103 6.01 5.38 5.36
N TYR A 104 5.15 4.99 4.41
CA TYR A 104 4.33 5.93 3.66
C TYR A 104 2.86 5.56 3.92
N TRP A 105 2.15 6.40 4.65
CA TRP A 105 0.74 6.15 4.98
C TRP A 105 0.49 4.75 5.57
N PHE A 106 1.23 4.41 6.61
CA PHE A 106 1.08 3.12 7.29
C PHE A 106 1.34 1.93 6.37
N SER A 107 2.10 2.15 5.31
CA SER A 107 2.39 1.10 4.34
C SER A 107 3.71 1.37 3.62
N VAL A 108 3.94 0.65 2.52
CA VAL A 108 5.15 0.83 1.73
C VAL A 108 4.93 1.93 0.68
N PRO A 109 6.00 2.61 0.24
CA PRO A 109 5.82 3.65 -0.78
C PRO A 109 5.24 2.96 -2.02
N ALA A 110 4.46 3.70 -2.81
CA ALA A 110 3.84 3.15 -3.99
C ALA A 110 4.77 2.37 -4.93
N ILE A 111 6.00 2.85 -5.12
CA ILE A 111 6.90 2.13 -6.02
C ILE A 111 7.16 0.71 -5.51
N LEU A 112 7.22 0.53 -4.19
CA LEU A 112 7.44 -0.79 -3.61
C LEU A 112 6.13 -1.60 -3.61
N LYS A 113 4.99 -0.93 -3.45
CA LYS A 113 3.72 -1.67 -3.48
C LYS A 113 3.60 -2.27 -4.87
N GLY A 114 4.04 -1.52 -5.88
CA GLY A 114 3.98 -2.00 -7.25
C GLY A 114 4.85 -3.22 -7.46
N TRP A 115 6.00 -3.25 -6.79
CA TRP A 115 6.92 -4.38 -6.89
C TRP A 115 6.17 -5.60 -6.37
N MET A 116 5.53 -5.46 -5.21
CA MET A 116 4.77 -6.54 -4.62
C MET A 116 3.61 -6.95 -5.53
N ASP A 117 2.87 -5.97 -6.02
CA ASP A 117 1.74 -6.24 -6.90
C ASP A 117 2.15 -7.00 -8.16
N ARG A 118 3.24 -6.54 -8.80
CA ARG A 118 3.69 -7.13 -10.05
C ARG A 118 4.67 -8.31 -10.01
N VAL A 119 5.53 -8.35 -9.01
CA VAL A 119 6.51 -9.44 -8.91
C VAL A 119 6.00 -10.73 -8.28
N LEU A 120 5.16 -10.58 -7.27
CA LEU A 120 4.60 -11.72 -6.55
C LEU A 120 3.29 -12.15 -7.20
N CYS A 121 3.37 -12.59 -8.46
CA CYS A 121 2.18 -13.00 -9.19
C CYS A 121 1.78 -14.43 -8.85
N GLN A 122 0.56 -14.78 -9.24
CA GLN A 122 0.04 -16.12 -9.01
C GLN A 122 0.83 -17.08 -9.89
N GLY A 123 1.27 -18.18 -9.31
CA GLY A 123 2.06 -19.15 -10.05
C GLY A 123 3.50 -19.09 -9.60
N PHE A 124 3.90 -17.90 -9.14
CA PHE A 124 5.26 -17.68 -8.67
C PHE A 124 5.34 -17.63 -7.15
N ALA A 125 4.59 -16.72 -6.56
CA ALA A 125 4.59 -16.55 -5.11
C ALA A 125 3.48 -17.34 -4.42
N PHE A 126 2.43 -17.66 -5.15
CA PHE A 126 1.31 -18.40 -4.58
C PHE A 126 0.43 -19.05 -5.64
N ASP A 127 -0.54 -19.82 -5.15
CA ASP A 127 -1.49 -20.50 -6.00
C ASP A 127 -2.59 -21.01 -5.08
N ILE A 128 -3.81 -21.13 -5.60
CA ILE A 128 -4.91 -21.62 -4.79
C ILE A 128 -4.49 -22.87 -3.99
N PRO A 129 -3.81 -23.82 -4.64
CA PRO A 129 -3.39 -25.03 -3.92
C PRO A 129 -2.55 -24.75 -2.67
N GLY A 130 -1.57 -23.87 -2.81
CA GLY A 130 -0.71 -23.54 -1.68
C GLY A 130 -0.49 -22.06 -1.42
N PHE A 131 -0.93 -21.62 -0.24
CA PHE A 131 -0.79 -20.24 0.19
C PHE A 131 -0.42 -20.22 1.66
N TYR A 132 -0.13 -19.04 2.20
CA TYR A 132 0.27 -18.91 3.60
C TYR A 132 1.37 -19.91 3.95
N ASP A 133 1.17 -20.72 4.98
CA ASP A 133 2.18 -21.69 5.37
C ASP A 133 2.62 -22.57 4.20
N SER A 134 1.77 -22.66 3.18
CA SER A 134 2.07 -23.46 1.99
C SER A 134 2.34 -22.59 0.76
N GLY A 135 2.71 -21.34 1.00
CA GLY A 135 3.00 -20.43 -0.10
C GLY A 135 4.15 -20.99 -0.91
N LEU A 136 4.18 -20.68 -2.20
CA LEU A 136 5.22 -21.19 -3.09
C LEU A 136 6.64 -20.74 -2.76
N LEU A 137 6.78 -19.72 -1.93
CA LEU A 137 8.11 -19.23 -1.56
C LEU A 137 8.54 -19.71 -0.18
N GLN A 138 7.91 -20.79 0.28
CA GLN A 138 8.23 -21.37 1.59
C GLN A 138 9.71 -21.70 1.72
N GLY A 139 10.24 -21.54 2.93
CA GLY A 139 11.64 -21.82 3.17
C GLY A 139 12.45 -20.52 3.21
N LYS A 140 11.98 -19.52 2.48
CA LYS A 140 12.67 -18.23 2.44
C LYS A 140 12.28 -17.37 3.63
N LEU A 141 13.16 -16.45 3.97
CA LEU A 141 12.92 -15.53 5.08
C LEU A 141 12.67 -14.13 4.53
N ALA A 142 11.86 -13.36 5.24
CA ALA A 142 11.56 -11.99 4.83
C ALA A 142 11.68 -11.13 6.06
N LEU A 143 12.11 -9.89 5.89
CA LEU A 143 12.30 -8.98 6.99
C LEU A 143 12.00 -7.55 6.54
N LEU A 144 11.15 -6.86 7.30
CA LEU A 144 10.82 -5.48 6.98
C LEU A 144 11.68 -4.52 7.81
N SER A 145 12.43 -3.66 7.14
CA SER A 145 13.25 -2.66 7.80
C SER A 145 12.61 -1.35 7.37
N VAL A 146 11.84 -0.78 8.28
CA VAL A 146 11.11 0.44 8.02
C VAL A 146 11.51 1.58 8.93
N THR A 147 11.45 2.80 8.39
CA THR A 147 11.77 3.99 9.13
C THR A 147 10.44 4.76 9.22
N THR A 148 10.25 5.50 10.30
CA THR A 148 8.99 6.22 10.46
C THR A 148 9.16 7.70 10.79
N GLY A 149 8.10 8.45 10.57
CA GLY A 149 8.11 9.86 10.89
C GLY A 149 7.67 9.97 12.34
N GLY A 150 6.71 9.13 12.70
CA GLY A 150 6.19 9.13 14.06
C GLY A 150 7.13 8.47 15.05
N THR A 151 7.00 8.84 16.32
CA THR A 151 7.84 8.30 17.38
C THR A 151 7.29 7.00 17.94
N ALA A 152 8.14 6.25 18.64
CA ALA A 152 7.74 4.98 19.22
C ALA A 152 6.52 5.16 20.14
N GLU A 153 6.48 6.28 20.86
CA GLU A 153 5.38 6.60 21.75
C GLU A 153 4.07 6.70 20.98
N MET A 154 4.11 7.38 19.84
CA MET A 154 2.93 7.54 19.01
C MET A 154 2.45 6.18 18.51
N TYR A 155 3.38 5.24 18.40
CA TYR A 155 3.07 3.89 17.93
C TYR A 155 2.87 2.87 19.04
N THR A 156 1.96 3.18 19.94
CA THR A 156 1.60 2.30 21.05
C THR A 156 0.09 2.09 20.91
N LYS A 157 -0.41 0.96 21.41
CA LYS A 157 -1.84 0.66 21.30
C LYS A 157 -2.75 1.82 21.69
N THR A 158 -2.32 2.61 22.66
CA THR A 158 -3.11 3.75 23.10
C THR A 158 -2.55 5.06 22.57
N GLY A 159 -1.64 4.97 21.61
CA GLY A 159 -1.05 6.16 21.02
C GLY A 159 -1.93 6.62 19.86
N VAL A 160 -1.64 7.79 19.30
CA VAL A 160 -2.43 8.31 18.18
C VAL A 160 -2.41 7.42 16.94
N ASN A 161 -1.26 6.83 16.64
CA ASN A 161 -1.14 5.98 15.47
C ASN A 161 -1.43 4.52 15.76
N GLY A 162 -1.56 4.17 17.03
CA GLY A 162 -1.82 2.79 17.39
C GLY A 162 -0.52 1.99 17.41
N ASP A 163 -0.61 0.72 17.80
CA ASP A 163 0.57 -0.14 17.85
C ASP A 163 1.15 -0.37 16.44
N SER A 164 2.47 -0.31 16.31
CA SER A 164 3.11 -0.52 15.02
C SER A 164 2.74 -1.88 14.40
N ARG A 165 2.54 -2.88 15.25
CA ARG A 165 2.17 -4.20 14.74
C ARG A 165 0.87 -4.13 13.95
N TYR A 166 0.06 -3.12 14.22
CA TYR A 166 -1.21 -2.97 13.51
C TYR A 166 -1.01 -2.75 12.01
N PHE A 167 -0.09 -1.86 11.63
CA PHE A 167 0.12 -1.61 10.20
C PHE A 167 0.96 -2.70 9.52
N LEU A 168 1.61 -3.54 10.32
CA LEU A 168 2.44 -4.62 9.78
C LEU A 168 1.63 -5.77 9.19
N TRP A 169 0.40 -5.91 9.69
CA TRP A 169 -0.51 -6.97 9.27
C TRP A 169 -0.64 -7.18 7.77
N PRO A 170 -0.97 -6.11 7.01
CA PRO A 170 -1.12 -6.29 5.56
C PRO A 170 0.19 -6.72 4.90
N LEU A 171 1.31 -6.19 5.40
CA LEU A 171 2.61 -6.52 4.84
C LEU A 171 3.14 -7.90 5.28
N GLN A 172 3.27 -8.08 6.59
CA GLN A 172 3.78 -9.34 7.14
C GLN A 172 2.86 -10.54 6.93
N HIS A 173 1.59 -10.39 7.27
CA HIS A 173 0.64 -11.51 7.12
C HIS A 173 -0.03 -11.55 5.75
N GLY A 174 -0.75 -10.49 5.41
CA GLY A 174 -1.44 -10.45 4.14
C GLY A 174 -0.58 -10.66 2.90
N THR A 175 0.68 -10.24 2.97
CA THR A 175 1.57 -10.36 1.81
C THR A 175 2.66 -11.43 1.96
N LEU A 176 3.63 -11.18 2.83
CA LEU A 176 4.74 -12.10 3.02
C LEU A 176 4.36 -13.51 3.45
N HIS A 177 3.67 -13.62 4.59
CA HIS A 177 3.26 -14.93 5.08
C HIS A 177 2.40 -15.64 4.04
N PHE A 178 1.56 -14.88 3.36
CA PHE A 178 0.68 -15.47 2.35
C PHE A 178 1.47 -16.18 1.26
N CYS A 179 2.68 -15.71 1.01
CA CYS A 179 3.51 -16.31 -0.03
C CYS A 179 4.46 -17.40 0.47
N GLY A 180 4.29 -17.82 1.71
CA GLY A 180 5.13 -18.88 2.26
C GLY A 180 6.35 -18.39 3.00
N PHE A 181 6.55 -17.08 3.02
CA PHE A 181 7.70 -16.51 3.71
C PHE A 181 7.64 -16.71 5.22
N LYS A 182 8.80 -16.95 5.81
CA LYS A 182 8.90 -17.06 7.25
C LYS A 182 9.30 -15.62 7.54
N VAL A 183 8.54 -14.95 8.39
CA VAL A 183 8.81 -13.55 8.70
C VAL A 183 9.66 -13.32 9.93
N LEU A 184 10.76 -12.60 9.77
CA LEU A 184 11.63 -12.28 10.89
C LEU A 184 11.08 -11.03 11.54
N ALA A 185 11.39 -10.83 12.82
CA ALA A 185 10.91 -9.67 13.54
C ALA A 185 11.30 -8.42 12.77
N PRO A 186 10.35 -7.48 12.60
CA PRO A 186 10.66 -6.25 11.87
C PRO A 186 11.72 -5.40 12.54
N GLN A 187 12.37 -4.54 11.75
CA GLN A 187 13.37 -3.62 12.25
C GLN A 187 12.77 -2.24 12.01
N ILE A 188 12.34 -1.58 13.07
CA ILE A 188 11.72 -0.26 12.96
C ILE A 188 12.57 0.85 13.55
N SER A 189 13.03 1.76 12.71
CA SER A 189 13.82 2.89 13.15
C SER A 189 12.87 4.08 13.29
N PHE A 190 12.38 4.30 14.51
CA PHE A 190 11.44 5.38 14.79
C PHE A 190 12.02 6.79 14.68
N ALA A 191 11.28 7.65 13.99
CA ALA A 191 11.63 9.04 13.80
C ALA A 191 13.12 9.40 13.80
N PRO A 192 13.84 9.06 12.72
CA PRO A 192 15.27 9.38 12.66
C PRO A 192 15.45 10.88 12.38
N GLU A 193 14.44 11.50 11.81
CA GLU A 193 14.49 12.93 11.51
C GLU A 193 14.43 13.76 12.79
N ILE A 194 13.81 13.19 13.82
CA ILE A 194 13.67 13.86 15.10
C ILE A 194 14.88 13.57 15.98
N ALA A 195 15.17 12.29 16.19
CA ALA A 195 16.30 11.86 17.01
C ALA A 195 17.60 12.60 16.67
N SER A 196 18.57 12.51 17.58
CA SER A 196 19.87 13.15 17.40
C SER A 196 20.83 12.28 16.58
N GLU A 197 21.93 12.88 16.14
CA GLU A 197 22.94 12.16 15.37
C GLU A 197 23.43 10.94 16.13
N GLU A 198 23.55 11.07 17.45
CA GLU A 198 24.00 9.97 18.28
C GLU A 198 22.96 8.86 18.26
N GLU A 199 21.70 9.25 18.37
CA GLU A 199 20.61 8.29 18.36
C GLU A 199 20.46 7.62 17.00
N ARG A 200 20.71 8.39 15.95
CA ARG A 200 20.63 7.87 14.59
C ARG A 200 21.70 6.80 14.44
N LYS A 201 22.89 7.09 14.94
CA LYS A 201 24.00 6.15 14.87
C LYS A 201 23.62 4.89 15.64
N GLY A 202 23.02 5.10 16.81
CA GLY A 202 22.62 3.96 17.62
C GLY A 202 21.68 3.05 16.85
N MET A 203 20.76 3.66 16.10
CA MET A 203 19.80 2.88 15.32
C MET A 203 20.48 2.07 14.21
N VAL A 204 21.36 2.73 13.46
CA VAL A 204 22.06 2.05 12.38
C VAL A 204 22.94 0.92 12.93
N ALA A 205 23.58 1.18 14.06
CA ALA A 205 24.44 0.19 14.68
C ALA A 205 23.67 -1.04 15.14
N ALA A 206 22.48 -0.83 15.69
CA ALA A 206 21.65 -1.95 16.15
C ALA A 206 21.30 -2.83 14.96
N TRP A 207 21.07 -2.17 13.82
CA TRP A 207 20.72 -2.85 12.58
C TRP A 207 21.89 -3.71 12.10
N SER A 208 23.08 -3.12 12.03
CA SER A 208 24.26 -3.87 11.59
C SER A 208 24.59 -4.95 12.62
N GLN A 209 24.51 -4.61 13.90
CA GLN A 209 24.79 -5.57 14.95
C GLN A 209 23.79 -6.72 14.84
N ARG A 210 22.52 -6.38 14.59
CA ARG A 210 21.52 -7.43 14.45
C ARG A 210 21.82 -8.34 13.26
N LEU A 211 22.24 -7.73 12.15
CA LEU A 211 22.55 -8.50 10.94
C LEU A 211 23.68 -9.51 11.15
N GLN A 212 24.49 -9.31 12.19
CA GLN A 212 25.58 -10.23 12.48
C GLN A 212 25.07 -11.62 12.80
N THR A 213 23.89 -11.71 13.42
CA THR A 213 23.31 -13.01 13.78
C THR A 213 21.90 -13.26 13.28
N ILE A 214 21.50 -12.61 12.18
CA ILE A 214 20.16 -12.82 11.65
C ILE A 214 19.91 -14.26 11.24
N TRP A 215 20.97 -14.96 10.85
CA TRP A 215 20.82 -16.35 10.44
C TRP A 215 20.51 -17.23 11.65
N LYS A 216 20.74 -16.68 12.84
CA LYS A 216 20.47 -17.40 14.08
C LYS A 216 19.07 -17.11 14.59
N GLU A 217 18.44 -16.07 14.08
CA GLU A 217 17.10 -15.67 14.51
C GLU A 217 15.99 -16.64 14.15
N GLU A 218 14.96 -16.68 14.98
CA GLU A 218 13.81 -17.54 14.75
C GLU A 218 12.67 -16.67 14.19
N PRO A 219 11.88 -17.20 13.25
CA PRO A 219 10.77 -16.46 12.65
C PRO A 219 9.67 -16.17 13.67
N ILE A 220 9.11 -14.97 13.61
CA ILE A 220 8.05 -14.58 14.52
C ILE A 220 6.79 -15.36 14.16
N PRO A 221 5.89 -15.56 15.12
CA PRO A 221 4.66 -16.30 14.81
C PRO A 221 3.72 -15.30 14.15
N CYS A 222 3.73 -15.26 12.81
CA CYS A 222 2.89 -14.33 12.07
C CYS A 222 1.41 -14.69 12.24
N THR A 223 0.84 -14.28 13.36
CA THR A 223 -0.55 -14.58 13.64
C THR A 223 -1.33 -13.32 14.00
N ALA A 224 -2.65 -13.41 13.88
CA ALA A 224 -3.50 -12.27 14.22
C ALA A 224 -3.21 -11.93 15.67
N HIS A 225 -2.95 -12.96 16.47
CA HIS A 225 -2.66 -12.79 17.88
C HIS A 225 -1.36 -12.01 18.11
N TRP A 226 -0.35 -12.29 17.29
CA TRP A 226 0.93 -11.60 17.43
C TRP A 226 0.79 -10.11 17.12
N HIS A 227 0.08 -9.79 16.05
CA HIS A 227 -0.11 -8.39 15.64
C HIS A 227 -1.09 -7.60 16.49
N PHE A 228 -2.21 -8.23 16.85
CA PHE A 228 -3.24 -7.56 17.62
C PHE A 228 -3.37 -7.97 19.09
N GLY A 229 -3.25 -9.26 19.35
CA GLY A 229 -3.36 -9.76 20.72
C GLY A 229 -2.43 -9.13 21.74
N GLN A 230 -2.54 -9.61 22.99
CA GLN A 230 -1.71 -9.11 24.08
C GLN A 230 -0.70 -10.19 24.50
N ALA B 1 -28.97 22.80 -0.77
CA ALA B 1 -27.56 22.76 -1.27
C ALA B 1 -27.17 21.34 -1.68
N GLY B 2 -26.68 21.20 -2.90
CA GLY B 2 -26.27 19.89 -3.38
C GLY B 2 -24.91 19.50 -2.83
N LYS B 3 -24.35 18.42 -3.35
CA LYS B 3 -23.04 17.95 -2.92
C LYS B 3 -22.17 17.57 -4.10
N LYS B 4 -20.86 17.61 -3.87
CA LYS B 4 -19.89 17.23 -4.86
C LYS B 4 -19.24 15.93 -4.40
N VAL B 5 -19.08 14.99 -5.33
CA VAL B 5 -18.48 13.72 -5.00
C VAL B 5 -17.35 13.38 -5.96
N LEU B 6 -16.25 12.90 -5.42
CA LEU B 6 -15.11 12.49 -6.22
C LEU B 6 -14.93 10.99 -6.03
N ILE B 7 -14.89 10.27 -7.14
CA ILE B 7 -14.68 8.84 -7.08
C ILE B 7 -13.26 8.62 -7.61
N VAL B 8 -12.36 8.10 -6.79
CA VAL B 8 -11.00 7.82 -7.26
C VAL B 8 -11.12 6.33 -7.59
N TYR B 9 -11.05 6.02 -8.87
CA TYR B 9 -11.23 4.67 -9.38
C TYR B 9 -9.94 4.00 -9.82
N ALA B 10 -9.71 2.76 -9.39
CA ALA B 10 -8.48 2.05 -9.74
C ALA B 10 -8.65 0.64 -10.32
N HIS B 11 -9.05 0.57 -11.58
CA HIS B 11 -9.17 -0.73 -12.25
C HIS B 11 -8.89 -0.56 -13.73
N GLN B 12 -8.21 -1.55 -14.31
CA GLN B 12 -7.82 -1.50 -15.72
C GLN B 12 -8.92 -1.83 -16.71
N GLU B 13 -9.91 -2.58 -16.28
CA GLU B 13 -10.99 -3.02 -17.17
C GLU B 13 -12.38 -2.44 -16.91
N PRO B 14 -12.90 -1.66 -17.86
CA PRO B 14 -14.23 -1.03 -17.75
C PRO B 14 -15.36 -2.04 -17.51
N LYS B 15 -15.20 -3.24 -18.05
CA LYS B 15 -16.22 -4.27 -17.90
C LYS B 15 -16.09 -5.04 -16.59
N SER B 16 -15.10 -4.68 -15.78
CA SER B 16 -14.88 -5.35 -14.49
C SER B 16 -16.00 -5.11 -13.50
N PHE B 17 -15.99 -5.88 -12.41
CA PHE B 17 -16.99 -5.75 -11.36
C PHE B 17 -16.78 -4.37 -10.71
N ASN B 18 -15.52 -3.93 -10.68
CA ASN B 18 -15.20 -2.62 -10.12
C ASN B 18 -15.77 -1.53 -10.99
N GLY B 19 -15.63 -1.70 -12.31
CA GLY B 19 -16.15 -0.74 -13.24
C GLY B 19 -17.66 -0.58 -13.10
N SER B 20 -18.34 -1.70 -12.81
CA SER B 20 -19.78 -1.67 -12.62
C SER B 20 -20.14 -0.92 -11.35
N LEU B 21 -19.41 -1.20 -10.28
CA LEU B 21 -19.64 -0.54 -9.01
C LEU B 21 -19.40 0.96 -9.18
N LYS B 22 -18.41 1.30 -9.98
CA LYS B 22 -18.07 2.69 -10.25
C LYS B 22 -19.18 3.36 -11.06
N ASN B 23 -19.63 2.71 -12.13
CA ASN B 23 -20.69 3.27 -12.97
C ASN B 23 -21.99 3.39 -12.18
N VAL B 24 -22.21 2.42 -11.28
CA VAL B 24 -23.41 2.43 -10.45
C VAL B 24 -23.38 3.67 -9.56
N ALA B 25 -22.22 3.94 -8.96
CA ALA B 25 -22.06 5.09 -8.11
C ALA B 25 -22.35 6.36 -8.91
N VAL B 26 -21.74 6.46 -10.09
CA VAL B 26 -21.95 7.63 -10.92
C VAL B 26 -23.43 7.82 -11.27
N ASP B 27 -24.08 6.78 -11.78
CA ASP B 27 -25.48 6.88 -12.16
C ASP B 27 -26.40 7.30 -11.01
N GLU B 28 -26.26 6.64 -9.87
CA GLU B 28 -27.08 6.92 -8.70
C GLU B 28 -26.85 8.32 -8.13
N LEU B 29 -25.59 8.71 -7.93
CA LEU B 29 -25.31 10.03 -7.40
C LEU B 29 -25.74 11.09 -8.42
N SER B 30 -25.55 10.79 -9.70
CA SER B 30 -25.94 11.72 -10.76
C SER B 30 -27.47 11.88 -10.79
N ARG B 31 -28.18 10.79 -10.53
CA ARG B 31 -29.64 10.81 -10.51
C ARG B 31 -30.15 11.66 -9.36
N GLN B 32 -29.43 11.61 -8.24
CA GLN B 32 -29.79 12.38 -7.05
C GLN B 32 -29.58 13.87 -7.27
N GLY B 33 -28.90 14.22 -8.36
CA GLY B 33 -28.65 15.62 -8.65
C GLY B 33 -27.29 16.05 -8.12
N CYS B 34 -26.52 15.10 -7.61
CA CYS B 34 -25.19 15.39 -7.08
C CYS B 34 -24.19 15.67 -8.19
N THR B 35 -23.16 16.44 -7.87
CA THR B 35 -22.10 16.76 -8.84
C THR B 35 -21.10 15.62 -8.69
N VAL B 36 -20.78 14.95 -9.79
CA VAL B 36 -19.86 13.81 -9.74
C VAL B 36 -18.63 13.94 -10.63
N THR B 37 -17.49 13.51 -10.11
CA THR B 37 -16.22 13.55 -10.84
C THR B 37 -15.50 12.23 -10.60
N VAL B 38 -14.94 11.66 -11.66
CA VAL B 38 -14.23 10.39 -11.54
C VAL B 38 -12.78 10.49 -11.97
N SER B 39 -11.88 10.09 -11.07
CA SER B 39 -10.45 10.08 -11.39
C SER B 39 -10.14 8.61 -11.67
N ASP B 40 -10.12 8.27 -12.96
CA ASP B 40 -9.84 6.93 -13.46
C ASP B 40 -8.31 6.81 -13.62
N LEU B 41 -7.62 6.51 -12.52
CA LEU B 41 -6.17 6.43 -12.50
C LEU B 41 -5.46 5.72 -13.65
N TYR B 42 -5.86 4.49 -13.98
CA TYR B 42 -5.22 3.77 -15.08
C TYR B 42 -5.43 4.46 -16.42
N ALA B 43 -6.63 4.99 -16.66
CA ALA B 43 -6.90 5.65 -17.93
C ALA B 43 -6.08 6.93 -18.02
N MET B 44 -5.76 7.51 -16.88
CA MET B 44 -4.97 8.73 -16.81
C MET B 44 -3.48 8.37 -16.79
N ASN B 45 -3.19 7.08 -16.72
CA ASN B 45 -1.81 6.61 -16.62
C ASN B 45 -1.16 7.40 -15.48
N PHE B 46 -1.92 7.57 -14.40
CA PHE B 46 -1.46 8.31 -13.22
C PHE B 46 -0.11 7.85 -12.67
N GLU B 47 0.78 8.81 -12.44
CA GLU B 47 2.13 8.58 -11.91
C GLU B 47 2.08 8.21 -10.42
N PRO B 48 2.50 6.98 -10.07
CA PRO B 48 2.49 6.51 -8.68
C PRO B 48 3.74 6.86 -7.88
N ARG B 49 4.87 7.00 -8.57
CA ARG B 49 6.14 7.26 -7.90
C ARG B 49 6.32 8.66 -7.31
N ALA B 50 6.88 8.69 -6.11
CA ALA B 50 7.17 9.95 -5.41
C ALA B 50 8.62 10.27 -5.76
N THR B 51 8.83 11.17 -6.72
CA THR B 51 10.18 11.55 -7.14
C THR B 51 10.38 13.06 -7.14
N ASP B 52 11.61 13.50 -7.42
CA ASP B 52 11.90 14.92 -7.43
C ASP B 52 11.25 15.61 -8.62
N LYS B 53 10.59 14.85 -9.47
CA LYS B 53 9.91 15.41 -10.63
C LYS B 53 8.56 16.01 -10.21
N ASP B 54 8.17 15.78 -8.95
CA ASP B 54 6.93 16.32 -8.44
C ASP B 54 7.09 17.76 -8.01
N ILE B 55 8.33 18.23 -7.98
CA ILE B 55 8.64 19.61 -7.59
C ILE B 55 9.25 20.33 -8.80
N THR B 56 8.74 21.51 -9.13
CA THR B 56 9.23 22.26 -10.27
C THR B 56 10.17 23.41 -9.89
N GLY B 57 10.03 23.92 -8.68
CA GLY B 57 10.86 25.04 -8.25
C GLY B 57 12.20 24.67 -7.67
N THR B 58 12.91 25.68 -7.19
CA THR B 58 14.21 25.49 -6.58
C THR B 58 13.98 24.66 -5.31
N LEU B 59 14.78 23.61 -5.14
CA LEU B 59 14.65 22.74 -3.99
C LEU B 59 15.13 23.41 -2.71
N SER B 60 14.45 23.14 -1.60
CA SER B 60 14.84 23.72 -0.32
C SER B 60 16.23 23.20 0.05
N ASN B 61 16.51 21.96 -0.34
CA ASN B 61 17.81 21.35 -0.08
C ASN B 61 18.18 20.48 -1.27
N PRO B 62 18.93 21.04 -2.22
CA PRO B 62 19.35 20.30 -3.42
C PRO B 62 20.43 19.25 -3.18
N GLU B 63 21.03 19.25 -1.99
CA GLU B 63 22.09 18.28 -1.67
C GLU B 63 21.52 16.94 -1.24
N VAL B 64 20.50 16.98 -0.38
CA VAL B 64 19.86 15.77 0.12
C VAL B 64 18.35 15.93 -0.11
N PHE B 65 17.80 15.11 -1.00
CA PHE B 65 16.39 15.18 -1.34
C PHE B 65 15.48 14.46 -0.36
N ASN B 66 14.57 15.23 0.24
CA ASN B 66 13.60 14.71 1.20
C ASN B 66 12.22 15.01 0.58
N TYR B 67 11.56 13.96 0.08
CA TYR B 67 10.26 14.11 -0.56
C TYR B 67 9.22 14.88 0.26
N GLY B 68 9.08 14.50 1.53
CA GLY B 68 8.11 15.16 2.39
C GLY B 68 8.38 16.65 2.53
N VAL B 69 9.63 16.99 2.80
CA VAL B 69 10.03 18.39 2.96
C VAL B 69 9.87 19.17 1.66
N GLU B 70 10.35 18.60 0.56
CA GLU B 70 10.26 19.27 -0.73
C GLU B 70 8.83 19.49 -1.24
N THR B 71 7.95 18.50 -1.08
CA THR B 71 6.56 18.64 -1.52
C THR B 71 5.78 19.56 -0.59
N HIS B 72 6.15 19.60 0.68
CA HIS B 72 5.47 20.50 1.60
C HIS B 72 5.78 21.93 1.17
N GLU B 73 7.06 22.19 0.93
CA GLU B 73 7.51 23.50 0.52
C GLU B 73 6.96 23.89 -0.86
N ALA B 74 6.97 22.93 -1.79
CA ALA B 74 6.48 23.17 -3.14
C ALA B 74 4.98 23.47 -3.13
N TYR B 75 4.25 22.84 -2.22
CA TYR B 75 2.82 23.08 -2.13
C TYR B 75 2.57 24.53 -1.75
N LYS B 76 3.24 25.00 -0.70
CA LYS B 76 3.06 26.37 -0.25
C LYS B 76 3.52 27.39 -1.29
N GLN B 77 4.51 27.01 -2.08
CA GLN B 77 5.03 27.89 -3.12
C GLN B 77 4.28 27.76 -4.43
N ARG B 78 3.55 26.67 -4.58
CA ARG B 78 2.78 26.36 -5.79
C ARG B 78 3.72 25.92 -6.91
N SER B 79 4.69 25.06 -6.57
CA SER B 79 5.63 24.55 -7.55
C SER B 79 5.50 23.04 -7.72
N LEU B 80 4.36 22.50 -7.29
CA LEU B 80 4.08 21.06 -7.41
C LEU B 80 3.72 20.73 -8.85
N ALA B 81 3.98 19.50 -9.26
CA ALA B 81 3.63 19.06 -10.61
C ALA B 81 2.12 19.28 -10.78
N SER B 82 1.71 19.69 -11.96
CA SER B 82 0.29 19.97 -12.19
C SER B 82 -0.64 18.76 -12.01
N ASP B 83 -0.15 17.54 -12.28
CA ASP B 83 -1.01 16.36 -12.14
C ASP B 83 -1.43 16.18 -10.69
N ILE B 84 -0.58 16.64 -9.76
CA ILE B 84 -0.88 16.56 -8.34
C ILE B 84 -1.91 17.64 -7.97
N THR B 85 -1.70 18.85 -8.50
CA THR B 85 -2.60 19.94 -8.20
C THR B 85 -4.00 19.73 -8.79
N ASP B 86 -4.08 19.05 -9.93
CA ASP B 86 -5.39 18.77 -10.52
C ASP B 86 -6.19 17.88 -9.57
N GLU B 87 -5.51 16.92 -8.95
CA GLU B 87 -6.20 16.03 -8.01
C GLU B 87 -6.60 16.78 -6.74
N GLN B 88 -5.71 17.61 -6.22
CA GLN B 88 -6.02 18.36 -5.02
C GLN B 88 -7.24 19.25 -5.19
N LYS B 89 -7.43 19.81 -6.38
CA LYS B 89 -8.61 20.65 -6.60
C LYS B 89 -9.88 19.83 -6.49
N LYS B 90 -9.84 18.61 -7.02
CA LYS B 90 -10.99 17.72 -6.98
C LYS B 90 -11.34 17.36 -5.53
N VAL B 91 -10.32 17.07 -4.73
CA VAL B 91 -10.52 16.71 -3.33
C VAL B 91 -11.00 17.92 -2.54
N ARG B 92 -10.39 19.06 -2.80
CA ARG B 92 -10.72 20.29 -2.10
C ARG B 92 -12.21 20.64 -2.21
N GLU B 93 -12.76 20.53 -3.41
CA GLU B 93 -14.17 20.85 -3.61
C GLU B 93 -15.12 19.73 -3.19
N ALA B 94 -14.61 18.50 -3.17
CA ALA B 94 -15.43 17.34 -2.81
C ALA B 94 -15.97 17.35 -1.39
N ASP B 95 -17.21 16.90 -1.23
CA ASP B 95 -17.83 16.79 0.08
C ASP B 95 -17.68 15.33 0.52
N LEU B 96 -17.53 14.47 -0.48
CA LEU B 96 -17.39 13.02 -0.28
C LEU B 96 -16.44 12.45 -1.31
N VAL B 97 -15.49 11.64 -0.84
CA VAL B 97 -14.53 11.00 -1.73
C VAL B 97 -14.67 9.49 -1.57
N ILE B 98 -15.07 8.84 -2.65
CA ILE B 98 -15.23 7.38 -2.67
C ILE B 98 -14.03 6.78 -3.40
N PHE B 99 -13.48 5.71 -2.83
CA PHE B 99 -12.36 5.00 -3.43
C PHE B 99 -12.90 3.65 -3.88
N GLN B 100 -12.86 3.41 -5.19
CA GLN B 100 -13.34 2.15 -5.75
C GLN B 100 -12.14 1.36 -6.26
N PHE B 101 -11.90 0.20 -5.66
CA PHE B 101 -10.74 -0.60 -6.06
C PHE B 101 -10.79 -2.03 -5.57
N PRO B 102 -10.04 -2.92 -6.25
CA PRO B 102 -9.97 -4.34 -5.88
C PRO B 102 -8.84 -4.40 -4.85
N LEU B 103 -8.99 -5.24 -3.84
CA LEU B 103 -7.96 -5.36 -2.81
C LEU B 103 -6.70 -6.00 -3.41
N TYR B 104 -5.57 -5.35 -3.22
CA TYR B 104 -4.29 -5.86 -3.72
C TYR B 104 -3.37 -6.02 -2.52
N TRP B 105 -3.09 -7.26 -2.14
CA TRP B 105 -2.24 -7.54 -1.00
C TRP B 105 -2.70 -6.81 0.28
N PHE B 106 -3.97 -6.99 0.62
CA PHE B 106 -4.55 -6.38 1.81
C PHE B 106 -4.48 -4.86 1.78
N SER B 107 -4.39 -4.28 0.60
CA SER B 107 -4.28 -2.84 0.48
C SER B 107 -4.83 -2.35 -0.86
N VAL B 108 -4.47 -1.14 -1.24
CA VAL B 108 -4.93 -0.58 -2.50
C VAL B 108 -3.89 -0.87 -3.58
N PRO B 109 -4.33 -0.92 -4.86
CA PRO B 109 -3.39 -1.18 -5.96
C PRO B 109 -2.32 -0.07 -5.90
N ALA B 110 -1.10 -0.37 -6.32
CA ALA B 110 -0.03 0.62 -6.27
C ALA B 110 -0.35 1.96 -6.94
N ILE B 111 -1.12 1.93 -8.03
CA ILE B 111 -1.43 3.18 -8.71
C ILE B 111 -2.26 4.08 -7.79
N LEU B 112 -3.12 3.47 -6.98
CA LEU B 112 -3.94 4.23 -6.06
C LEU B 112 -3.09 4.61 -4.84
N LYS B 113 -2.19 3.72 -4.44
CA LYS B 113 -1.32 4.04 -3.32
C LYS B 113 -0.51 5.29 -3.69
N GLY B 114 -0.11 5.38 -4.96
CA GLY B 114 0.66 6.52 -5.42
C GLY B 114 -0.14 7.81 -5.33
N TRP B 115 -1.42 7.71 -5.65
CA TRP B 115 -2.34 8.84 -5.59
C TRP B 115 -2.28 9.35 -4.15
N MET B 116 -2.45 8.44 -3.21
CA MET B 116 -2.40 8.79 -1.80
C MET B 116 -1.07 9.44 -1.42
N ASP B 117 0.03 8.84 -1.86
CA ASP B 117 1.36 9.34 -1.53
C ASP B 117 1.65 10.75 -2.07
N ARG B 118 1.30 10.99 -3.33
CA ARG B 118 1.57 12.26 -3.98
C ARG B 118 0.52 13.35 -3.82
N VAL B 119 -0.75 12.97 -3.76
CA VAL B 119 -1.81 13.95 -3.62
C VAL B 119 -2.03 14.48 -2.21
N LEU B 120 -1.96 13.61 -1.20
CA LEU B 120 -2.18 14.04 0.18
C LEU B 120 -0.94 14.54 0.89
N CYS B 121 -0.31 15.59 0.34
CA CYS B 121 0.90 16.14 0.91
C CYS B 121 0.68 17.07 2.10
N GLN B 122 1.75 17.31 2.84
CA GLN B 122 1.69 18.20 3.98
C GLN B 122 1.36 19.60 3.46
N GLY B 123 0.51 20.31 4.18
CA GLY B 123 0.12 21.64 3.74
C GLY B 123 -1.26 21.59 3.14
N PHE B 124 -1.54 20.52 2.38
CA PHE B 124 -2.83 20.36 1.74
C PHE B 124 -3.79 19.45 2.51
N ALA B 125 -3.32 18.24 2.80
CA ALA B 125 -4.13 17.24 3.48
C ALA B 125 -4.00 17.25 5.00
N PHE B 126 -2.85 17.69 5.49
CA PHE B 126 -2.61 17.73 6.92
C PHE B 126 -1.43 18.65 7.20
N ASP B 127 -1.19 18.89 8.48
CA ASP B 127 -0.06 19.70 8.90
C ASP B 127 0.42 19.16 10.23
N ILE B 128 1.64 19.54 10.61
CA ILE B 128 2.21 19.10 11.86
C ILE B 128 2.53 20.32 12.73
N PRO B 129 1.64 20.62 13.70
CA PRO B 129 0.40 19.92 14.02
C PRO B 129 -0.75 20.21 13.07
N GLY B 130 -1.73 19.31 13.06
CA GLY B 130 -2.88 19.46 12.18
C GLY B 130 -3.26 18.16 11.52
N PHE B 131 -3.35 17.09 12.30
CA PHE B 131 -3.72 15.79 11.76
C PHE B 131 -4.80 15.10 12.57
N TYR B 132 -5.28 13.97 12.06
CA TYR B 132 -6.36 13.22 12.66
C TYR B 132 -7.58 14.12 12.79
N ASP B 133 -8.13 14.30 13.98
CA ASP B 133 -9.31 15.16 14.09
C ASP B 133 -9.03 16.61 13.70
N SER B 134 -7.74 16.95 13.62
CA SER B 134 -7.35 18.30 13.24
C SER B 134 -6.83 18.32 11.80
N GLY B 135 -6.99 17.21 11.09
CA GLY B 135 -6.54 17.14 9.71
C GLY B 135 -7.18 18.23 8.87
N LEU B 136 -6.44 18.72 7.87
CA LEU B 136 -6.93 19.80 7.01
C LEU B 136 -8.15 19.48 6.16
N LEU B 137 -8.40 18.21 5.90
CA LEU B 137 -9.55 17.84 5.09
C LEU B 137 -10.77 17.56 5.96
N GLN B 138 -10.78 18.11 7.18
CA GLN B 138 -11.91 17.91 8.08
C GLN B 138 -13.20 18.44 7.47
N GLY B 139 -14.31 17.77 7.75
CA GLY B 139 -15.59 18.17 7.21
C GLY B 139 -15.96 17.31 6.02
N LYS B 140 -14.95 16.68 5.42
CA LYS B 140 -15.17 15.83 4.26
C LYS B 140 -15.43 14.39 4.68
N LEU B 141 -16.17 13.67 3.86
CA LEU B 141 -16.47 12.27 4.10
C LEU B 141 -15.66 11.42 3.12
N ALA B 142 -15.28 10.23 3.56
CA ALA B 142 -14.52 9.32 2.71
C ALA B 142 -15.14 7.95 2.87
N LEU B 143 -15.06 7.14 1.82
CA LEU B 143 -15.63 5.80 1.84
C LEU B 143 -14.81 4.88 0.95
N LEU B 144 -14.47 3.71 1.49
CA LEU B 144 -13.72 2.74 0.72
C LEU B 144 -14.67 1.67 0.16
N SER B 145 -14.72 1.53 -1.15
CA SER B 145 -15.56 0.51 -1.78
C SER B 145 -14.57 -0.49 -2.35
N VAL B 146 -14.38 -1.59 -1.62
CA VAL B 146 -13.41 -2.63 -1.96
C VAL B 146 -14.01 -3.96 -2.43
N THR B 147 -13.35 -4.59 -3.41
CA THR B 147 -13.78 -5.90 -3.91
C THR B 147 -12.63 -6.84 -3.55
N THR B 148 -12.95 -8.10 -3.28
CA THR B 148 -11.90 -9.04 -2.90
C THR B 148 -11.94 -10.37 -3.66
N GLY B 149 -10.89 -11.16 -3.44
CA GLY B 149 -10.81 -12.48 -4.04
C GLY B 149 -11.28 -13.43 -2.95
N GLY B 150 -10.91 -13.13 -1.71
CA GLY B 150 -11.31 -13.94 -0.58
C GLY B 150 -12.76 -13.77 -0.20
N THR B 151 -13.35 -14.82 0.37
CA THR B 151 -14.76 -14.79 0.78
C THR B 151 -14.91 -14.13 2.14
N ALA B 152 -16.14 -13.78 2.48
CA ALA B 152 -16.44 -13.15 3.75
C ALA B 152 -15.94 -14.02 4.90
N GLU B 153 -16.18 -15.32 4.79
CA GLU B 153 -15.74 -16.28 5.80
C GLU B 153 -14.24 -16.22 6.05
N MET B 154 -13.46 -16.19 4.98
CA MET B 154 -12.00 -16.12 5.13
C MET B 154 -11.62 -14.84 5.86
N TYR B 155 -12.41 -13.79 5.65
CA TYR B 155 -12.15 -12.52 6.30
C TYR B 155 -12.87 -12.33 7.63
N THR B 156 -12.71 -13.31 8.51
CA THR B 156 -13.31 -13.28 9.85
C THR B 156 -12.19 -13.43 10.88
N LYS B 157 -12.48 -13.07 12.12
CA LYS B 157 -11.45 -13.16 13.17
C LYS B 157 -10.78 -14.52 13.17
N THR B 158 -11.59 -15.58 13.15
CA THR B 158 -11.04 -16.93 13.15
C THR B 158 -10.79 -17.41 11.73
N GLY B 159 -11.03 -16.52 10.77
CA GLY B 159 -10.82 -16.85 9.37
C GLY B 159 -9.34 -16.83 9.07
N VAL B 160 -8.96 -17.37 7.91
CA VAL B 160 -7.56 -17.42 7.51
C VAL B 160 -6.95 -16.03 7.27
N ASN B 161 -7.74 -15.11 6.76
CA ASN B 161 -7.28 -13.74 6.47
C ASN B 161 -7.48 -12.80 7.65
N GLY B 162 -8.18 -13.26 8.69
CA GLY B 162 -8.45 -12.40 9.82
C GLY B 162 -9.65 -11.54 9.45
N ASP B 163 -10.11 -10.72 10.38
CA ASP B 163 -11.26 -9.86 10.10
C ASP B 163 -10.94 -8.84 9.02
N SER B 164 -11.92 -8.54 8.19
CA SER B 164 -11.77 -7.57 7.10
C SER B 164 -11.33 -6.22 7.65
N ARG B 165 -11.84 -5.85 8.82
CA ARG B 165 -11.51 -4.57 9.42
C ARG B 165 -10.02 -4.40 9.71
N TYR B 166 -9.31 -5.51 9.90
CA TYR B 166 -7.90 -5.45 10.19
C TYR B 166 -7.11 -4.75 9.08
N PHE B 167 -7.35 -5.11 7.82
CA PHE B 167 -6.61 -4.49 6.73
C PHE B 167 -7.07 -3.06 6.39
N LEU B 168 -8.22 -2.65 6.94
CA LEU B 168 -8.73 -1.31 6.69
C LEU B 168 -8.00 -0.26 7.51
N TRP B 169 -7.35 -0.71 8.59
CA TRP B 169 -6.63 0.18 9.49
C TRP B 169 -5.72 1.22 8.83
N PRO B 170 -4.73 0.78 8.02
CA PRO B 170 -3.82 1.72 7.35
C PRO B 170 -4.53 2.76 6.49
N LEU B 171 -5.60 2.33 5.82
CA LEU B 171 -6.34 3.22 4.93
C LEU B 171 -7.30 4.18 5.65
N GLN B 172 -8.23 3.63 6.43
CA GLN B 172 -9.19 4.48 7.13
C GLN B 172 -8.58 5.34 8.23
N HIS B 173 -7.74 4.76 9.08
CA HIS B 173 -7.13 5.52 10.17
C HIS B 173 -5.79 6.16 9.81
N GLY B 174 -4.85 5.35 9.34
CA GLY B 174 -3.54 5.88 9.01
C GLY B 174 -3.52 6.93 7.91
N THR B 175 -4.52 6.90 7.03
CA THR B 175 -4.56 7.85 5.92
C THR B 175 -5.73 8.82 5.95
N LEU B 176 -6.95 8.29 5.83
CA LEU B 176 -8.13 9.13 5.82
C LEU B 176 -8.36 9.92 7.12
N HIS B 177 -8.53 9.22 8.23
CA HIS B 177 -8.74 9.92 9.50
C HIS B 177 -7.58 10.87 9.76
N PHE B 178 -6.36 10.43 9.43
CA PHE B 178 -5.17 11.26 9.64
C PHE B 178 -5.32 12.62 8.98
N CYS B 179 -5.92 12.64 7.79
CA CYS B 179 -6.12 13.88 7.05
C CYS B 179 -7.40 14.62 7.45
N GLY B 180 -8.07 14.13 8.48
CA GLY B 180 -9.28 14.78 8.95
C GLY B 180 -10.59 14.29 8.36
N PHE B 181 -10.53 13.30 7.50
CA PHE B 181 -11.74 12.75 6.89
C PHE B 181 -12.61 12.04 7.92
N LYS B 182 -13.91 12.11 7.74
CA LYS B 182 -14.83 11.37 8.59
C LYS B 182 -15.02 10.14 7.71
N VAL B 183 -14.80 8.95 8.26
CA VAL B 183 -14.92 7.74 7.47
C VAL B 183 -16.28 7.03 7.56
N LEU B 184 -16.94 6.84 6.42
CA LEU B 184 -18.21 6.14 6.39
C LEU B 184 -17.90 4.65 6.35
N ALA B 185 -18.85 3.82 6.78
CA ALA B 185 -18.64 2.37 6.78
C ALA B 185 -18.17 1.92 5.42
N PRO B 186 -17.18 1.04 5.37
CA PRO B 186 -16.69 0.55 4.08
C PRO B 186 -17.70 -0.33 3.37
N GLN B 187 -17.60 -0.37 2.04
CA GLN B 187 -18.48 -1.23 1.26
C GLN B 187 -17.58 -2.33 0.73
N ILE B 188 -17.67 -3.53 1.30
CA ILE B 188 -16.85 -4.63 0.82
C ILE B 188 -17.70 -5.62 0.04
N SER B 189 -17.37 -5.79 -1.23
CA SER B 189 -18.06 -6.72 -2.10
C SER B 189 -17.17 -7.94 -2.17
N PHE B 190 -17.48 -8.93 -1.36
CA PHE B 190 -16.68 -10.15 -1.26
C PHE B 190 -16.72 -11.13 -2.44
N ALA B 191 -15.53 -11.54 -2.84
CA ALA B 191 -15.30 -12.50 -3.91
C ALA B 191 -16.32 -12.54 -5.05
N PRO B 192 -16.41 -11.45 -5.83
CA PRO B 192 -17.37 -11.43 -6.94
C PRO B 192 -17.03 -12.46 -8.03
N GLU B 193 -15.77 -12.86 -8.09
CA GLU B 193 -15.32 -13.82 -9.08
C GLU B 193 -15.86 -15.21 -8.76
N ILE B 194 -16.03 -15.48 -7.46
CA ILE B 194 -16.54 -16.77 -6.99
C ILE B 194 -18.07 -16.75 -6.93
N ALA B 195 -18.64 -15.57 -6.73
CA ALA B 195 -20.09 -15.41 -6.64
C ALA B 195 -20.80 -15.79 -7.93
N SER B 196 -22.08 -16.11 -7.82
CA SER B 196 -22.88 -16.48 -8.98
C SER B 196 -23.44 -15.21 -9.62
N GLU B 197 -23.95 -15.33 -10.84
CA GLU B 197 -24.50 -14.19 -11.56
C GLU B 197 -25.46 -13.38 -10.68
N GLU B 198 -26.41 -14.07 -10.05
CA GLU B 198 -27.39 -13.42 -9.18
C GLU B 198 -26.75 -12.77 -7.95
N GLU B 199 -25.73 -13.41 -7.40
CA GLU B 199 -25.06 -12.86 -6.23
C GLU B 199 -24.32 -11.58 -6.59
N ARG B 200 -23.74 -11.55 -7.80
CA ARG B 200 -23.02 -10.38 -8.24
C ARG B 200 -23.97 -9.21 -8.48
N LYS B 201 -25.15 -9.52 -9.02
CA LYS B 201 -26.15 -8.48 -9.28
C LYS B 201 -26.68 -7.96 -7.95
N GLY B 202 -26.75 -8.85 -6.97
CA GLY B 202 -27.23 -8.47 -5.66
C GLY B 202 -26.23 -7.55 -4.99
N MET B 203 -24.95 -7.85 -5.17
CA MET B 203 -23.88 -7.04 -4.59
C MET B 203 -23.90 -5.65 -5.19
N VAL B 204 -24.07 -5.58 -6.51
CA VAL B 204 -24.11 -4.30 -7.20
C VAL B 204 -25.35 -3.52 -6.77
N ALA B 205 -26.50 -4.19 -6.76
CA ALA B 205 -27.76 -3.56 -6.35
C ALA B 205 -27.70 -3.01 -4.94
N ALA B 206 -27.02 -3.73 -4.05
CA ALA B 206 -26.88 -3.29 -2.66
C ALA B 206 -26.08 -1.99 -2.59
N TRP B 207 -25.11 -1.85 -3.49
CA TRP B 207 -24.26 -0.64 -3.55
C TRP B 207 -25.10 0.58 -3.90
N SER B 208 -25.74 0.55 -5.07
CA SER B 208 -26.57 1.67 -5.50
C SER B 208 -27.65 1.93 -4.46
N GLN B 209 -28.21 0.86 -3.90
CA GLN B 209 -29.25 0.98 -2.90
C GLN B 209 -28.74 1.76 -1.69
N ARG B 210 -27.54 1.41 -1.23
CA ARG B 210 -26.95 2.09 -0.09
C ARG B 210 -26.68 3.56 -0.42
N LEU B 211 -26.30 3.82 -1.67
CA LEU B 211 -25.98 5.18 -2.10
C LEU B 211 -27.19 6.11 -2.05
N GLN B 212 -28.38 5.54 -2.19
CA GLN B 212 -29.60 6.33 -2.15
C GLN B 212 -29.72 7.14 -0.86
N THR B 213 -29.24 6.57 0.24
CA THR B 213 -29.33 7.24 1.53
C THR B 213 -27.99 7.50 2.19
N ILE B 214 -26.94 7.56 1.37
CA ILE B 214 -25.59 7.79 1.89
C ILE B 214 -25.44 9.11 2.65
N TRP B 215 -26.20 10.13 2.26
CA TRP B 215 -26.09 11.42 2.91
C TRP B 215 -26.72 11.40 4.31
N LYS B 216 -27.48 10.36 4.61
CA LYS B 216 -28.12 10.22 5.91
C LYS B 216 -27.24 9.45 6.90
N GLU B 217 -26.24 8.75 6.40
CA GLU B 217 -25.32 7.95 7.22
C GLU B 217 -24.42 8.75 8.16
N GLU B 218 -23.99 8.10 9.23
CA GLU B 218 -23.07 8.69 10.21
C GLU B 218 -21.72 8.02 10.01
N PRO B 219 -20.62 8.71 10.31
CA PRO B 219 -19.33 8.04 10.11
C PRO B 219 -19.05 7.00 11.19
N ILE B 220 -18.04 6.16 10.99
CA ILE B 220 -17.70 5.15 11.97
C ILE B 220 -16.73 5.74 13.00
N PRO B 221 -16.63 5.09 14.16
CA PRO B 221 -15.71 5.60 15.19
C PRO B 221 -14.38 5.03 14.73
N CYS B 222 -13.63 5.80 13.95
CA CYS B 222 -12.34 5.33 13.42
C CYS B 222 -11.32 5.24 14.55
N THR B 223 -11.44 4.18 15.35
CA THR B 223 -10.57 3.95 16.49
C THR B 223 -10.02 2.53 16.43
N ALA B 224 -9.06 2.22 17.28
CA ALA B 224 -8.47 0.88 17.32
C ALA B 224 -9.54 -0.14 17.73
N HIS B 225 -10.45 0.26 18.61
CA HIS B 225 -11.50 -0.64 19.06
C HIS B 225 -12.42 -1.07 17.92
N TRP B 226 -12.78 -0.12 17.07
CA TRP B 226 -13.65 -0.43 15.94
C TRP B 226 -12.97 -1.46 15.04
N HIS B 227 -11.72 -1.19 14.68
CA HIS B 227 -10.98 -2.07 13.80
C HIS B 227 -10.58 -3.41 14.38
N PHE B 228 -10.09 -3.41 15.62
CA PHE B 228 -9.63 -4.64 16.24
C PHE B 228 -10.45 -5.14 17.42
N GLY B 229 -11.21 -4.25 18.05
CA GLY B 229 -12.03 -4.65 19.19
C GLY B 229 -11.21 -4.66 20.47
N GLN B 230 -10.40 -5.71 20.64
CA GLN B 230 -9.55 -5.88 21.82
C GLN B 230 -10.26 -5.61 23.14
ZN ZN C . 0.83 -14.41 9.16
PA FAD D . 16.21 11.17 6.45
O1A FAD D . 15.63 12.55 6.51
O2A FAD D . 16.97 10.77 5.24
O5B FAD D . 17.08 10.98 7.75
C5B FAD D . 17.06 11.81 8.93
C4B FAD D . 18.49 12.27 9.16
O4B FAD D . 19.36 11.10 9.10
C3B FAD D . 19.02 13.24 8.08
O3B FAD D . 19.38 14.51 8.60
C2B FAD D . 20.17 12.44 7.46
O2B FAD D . 21.19 13.11 6.78
C1B FAD D . 20.61 11.58 8.63
N9A FAD D . 21.44 10.42 8.29
C8A FAD D . 21.59 9.82 7.07
N7A FAD D . 22.41 8.79 7.11
C5A FAD D . 22.81 8.72 8.44
C6A FAD D . 23.71 7.82 9.14
N6A FAD D . 24.36 6.81 8.55
N1A FAD D . 23.91 8.02 10.48
C2A FAD D . 23.27 9.03 11.13
N3A FAD D . 22.42 9.91 10.55
C4A FAD D . 22.23 9.70 9.18
N1 FAD D . 5.59 8.42 8.84
C2 FAD D . 4.82 7.70 9.72
O2 FAD D . 5.17 7.48 10.89
N3 FAD D . 3.59 7.21 9.24
C4 FAD D . 3.11 7.40 7.95
O4 FAD D . 2.00 6.93 7.62
C4X FAD D . 3.91 8.15 7.05
N5 FAD D . 3.52 8.43 5.72
C5X FAD D . 4.32 9.18 4.85
C6 FAD D . 3.89 9.47 3.51
C7 FAD D . 4.66 10.21 2.62
C7M FAD D . 4.12 10.45 1.19
C8 FAD D . 5.92 10.70 3.06
C8M FAD D . 6.85 11.52 2.19
C9 FAD D . 6.37 10.43 4.41
C9A FAD D . 5.59 9.68 5.32
N10 FAD D . 5.98 9.39 6.70
C10 FAD D . 5.17 8.65 7.55
C1' FAD D . 7.30 9.92 7.15
C2' FAD D . 8.41 8.90 6.78
O2' FAD D . 8.11 7.58 7.24
C3' FAD D . 9.72 9.49 7.26
O3' FAD D . 9.96 10.80 6.75
C4' FAD D . 10.94 8.68 6.83
O4' FAD D . 10.79 7.33 7.32
C5' FAD D . 12.28 9.23 7.30
O5' FAD D . 13.28 8.31 6.79
P FAD D . 14.34 8.95 5.80
O1P FAD D . 15.26 7.87 5.41
O2P FAD D . 13.62 9.66 4.69
O3P FAD D . 15.06 10.09 6.67
C7 LDP E . 5.52 13.54 6.60
C7 LDP E . 5.62 12.61 9.30
C1 LDP E . 4.37 12.67 7.12
C1 LDP E . 4.44 12.22 8.40
C4 LDP E . 2.31 11.09 8.11
C4 LDP E . 2.32 11.49 6.73
C2 LDP E . 3.32 12.31 6.27
C2 LDP E . 3.45 11.37 8.89
C6 LDP E . 4.39 12.24 8.47
C6 LDP E . 4.39 12.70 7.07
C5 LDP E . 3.35 11.44 8.98
C5 LDP E . 3.32 12.34 6.22
C3 LDP E . 2.27 11.52 6.76
C3 LDP E . 2.38 11.00 8.05
O1 LDP E . 1.25 11.16 5.95
O1 LDP E . 1.40 10.18 8.52
O2 LDP E . 1.28 10.31 8.60
O2 LDP E . 1.29 11.14 5.91
C8 LDP E . 5.52 13.69 5.09
C8 LDP E . 6.36 13.85 8.78
N1 LDP E . 5.68 15.10 4.68
N1 LDP E . 7.64 13.99 9.47
ZN ZN F . -9.13 6.52 12.91
PA FAD G . -14.02 -9.20 -12.14
O1A FAD G . -13.25 -10.40 -12.56
O2A FAD G . -14.03 -8.04 -13.05
O5B FAD G . -15.51 -9.67 -11.83
C5B FAD G . -15.95 -11.03 -11.67
C4B FAD G . -17.18 -11.21 -12.55
O4B FAD G . -18.03 -10.05 -12.37
C3B FAD G . -16.87 -11.26 -14.07
O3B FAD G . -17.26 -12.49 -14.65
C2B FAD G . -17.61 -10.05 -14.59
O2B FAD G . -17.98 -9.99 -15.94
C1B FAD G . -18.75 -9.93 -13.58
N9A FAD G . -19.46 -8.66 -13.59
C8A FAD G . -18.97 -7.41 -13.90
N7A FAD G . -19.89 -6.48 -13.81
C5A FAD G . -21.04 -7.15 -13.41
C6A FAD G . -22.38 -6.69 -13.14
N6A FAD G . -22.76 -5.41 -13.24
N1A FAD G . -23.31 -7.62 -12.77
C2A FAD G . -22.98 -8.94 -12.65
N3A FAD G . -21.74 -9.44 -12.89
C4A FAD G . -20.80 -8.47 -13.27
N1 FAD G . -7.86 -10.52 -2.95
C2 FAD G . -7.94 -10.57 -1.58
O2 FAD G . -8.99 -10.99 -1.00
N3 FAD G . -6.83 -10.16 -0.84
C4 FAD G . -5.62 -9.70 -1.40
O4 FAD G . -4.67 -9.36 -0.67
C4X FAD G . -5.54 -9.65 -2.83
N5 FAD G . -4.37 -9.23 -3.51
C5X FAD G . -4.29 -9.20 -4.91
C6 FAD G . -3.10 -8.76 -5.58
C7 FAD G . -3.00 -8.72 -6.97
C7M FAD G . -1.68 -8.24 -7.60
C8 FAD G . -4.13 -9.12 -7.75
C8M FAD G . -4.15 -9.12 -9.27
C9 FAD G . -5.33 -9.57 -7.09
C9A FAD G . -5.46 -9.61 -5.68
N10 FAD G . -6.65 -10.05 -4.96
C10 FAD G . -6.69 -10.08 -3.57
C1' FAD G . -7.82 -10.47 -5.76
C2' FAD G . -8.68 -9.21 -6.07
O2' FAD G . -9.00 -8.48 -4.89
C3' FAD G . -9.88 -9.68 -6.89
O3' FAD G . -9.49 -10.38 -8.07
C4' FAD G . -10.75 -8.51 -7.38
O4' FAD G . -11.19 -7.78 -6.24
C5' FAD G . -11.97 -8.92 -8.20
O5' FAD G . -12.66 -7.70 -8.57
P FAD G . -12.75 -7.42 -10.14
O1P FAD G . -13.49 -6.17 -10.32
O2P FAD G . -11.37 -7.49 -10.73
O3P FAD G . -13.53 -8.70 -10.73
C7 LDP H . -6.38 -13.97 -6.02
C7 LDP H . -7.97 -14.36 -3.58
C1 LDP H . -5.78 -13.63 -4.65
C1 LDP H . -6.56 -13.81 -3.46
C4 LDP H . -4.73 -13.03 -2.14
C4 LDP H . -3.98 -12.75 -3.28
C2 LDP H . -4.49 -13.09 -4.56
C2 LDP H . -6.03 -13.52 -2.19
C6 LDP H . -6.55 -13.88 -3.49
C6 LDP H . -5.81 -13.55 -4.63
C5 LDP H . -6.02 -13.58 -2.22
C5 LDP H . -4.50 -13.02 -4.55
C3 LDP H . -3.95 -12.80 -3.30
C3 LDP H . -4.72 -13.00 -2.10
O1 LDP H . -2.71 -12.27 -3.20
O1 LDP H . -4.19 -12.73 -0.88
O2 LDP H . -4.20 -12.75 -0.92
O2 LDP H . -2.72 -12.23 -3.18
C8 LDP H . -5.58 -13.40 -7.18
C8 LDP H . -8.24 -14.99 -4.94
N1 LDP H . -5.34 -14.42 -8.22
N1 LDP H . -9.67 -15.23 -5.14
#